data_7RB4
#
_entry.id   7RB4
#
_cell.length_a   77.653
_cell.length_b   82.456
_cell.length_c   91.815
_cell.angle_alpha   90.000
_cell.angle_beta   90.000
_cell.angle_gamma   90.000
#
_symmetry.space_group_name_H-M   'P 21 21 21'
#
loop_
_entity.id
_entity.type
_entity.pdbx_description
1 polymer 'Diphtheria toxin, C domain'
2 non-polymer 'IODIDE ION'
3 water water
#
_entity_poly.entity_id   1
_entity_poly.type   'polypeptide(L)'
_entity_poly.pdbx_seq_one_letter_code
;MPNNESIVVEIVKLKNFHVYRGVSPIGVKDYQVGQKIVKSTSTDEHGNPVGLGNYDPHWQGLYAAEHLHHAASYAVDNNS
GVPGGLFKIKLPEDVRFVRYENKDAAQAITPGRLYRALREEGLIKLTTAKELNETHFNSNQNFLTNELGKEKIILIDTDE
FESFTDINGMKIPRLEFIIPWNIATEQVQVSEEVKVWYKGRDFSSLNAKERLELMMKLRGPYENDLTSYEAKFKDLIICR
SASYYSSGSSCLDWEKIKTESQRIVKQIIEEHPELQSHSKNAVTDKEKLQKIYNDYAPKIDKLSSLKEGVSRATTALNIA
SWAAGLAETFSNKNADGLDKAAAVTAIIPGLGQAVGIANGIEKHDGEAIAINSIALSALVVAQAIPIVGEIADVVGAGLI
LAGGLAQLIQSVSPDTPPHVEPPHFYPQTSNHVTVGWLNQKIDEMIHAWYPHEGYRSHHFVIKIANDAPENTTMPITEIM
AKLGSQTKQLDLVPERVWVYQNNNVITCTKQTVSLKTDRFAVIRPLFPTMLTKSRPIVVRMAYITGENSCTTDANPTCFP
ENPAIAVRVTPLPSNNECEWDHTPLHPSYQNGDKADFVRLGYRIGV
;
_entity_poly.pdbx_strand_id   A
#
loop_
_chem_comp.id
_chem_comp.type
_chem_comp.name
_chem_comp.formula
IOD non-polymer 'IODIDE ION' 'I -1'
#
# COMPACT_ATOMS: atom_id res chain seq x y z
N ASN A 4 0.04 -1.68 -35.77
CA ASN A 4 1.39 -2.24 -35.76
C ASN A 4 1.90 -2.41 -34.33
N GLU A 5 2.19 -1.28 -33.67
CA GLU A 5 2.59 -1.32 -32.28
C GLU A 5 1.40 -1.76 -31.42
N SER A 6 1.58 -2.86 -30.67
CA SER A 6 0.48 -3.44 -29.90
C SER A 6 0.08 -2.55 -28.73
N ILE A 7 -0.40 -1.34 -29.04
CA ILE A 7 -0.86 -0.38 -28.04
C ILE A 7 -2.20 0.16 -28.50
N VAL A 8 -3.19 0.13 -27.61
CA VAL A 8 -4.51 0.67 -27.91
C VAL A 8 -4.56 2.11 -27.44
N VAL A 9 -4.90 3.03 -28.35
CA VAL A 9 -4.91 4.46 -28.07
C VAL A 9 -6.32 4.99 -28.24
N GLU A 10 -6.79 5.73 -27.26
CA GLU A 10 -8.15 6.28 -27.28
C GLU A 10 -8.14 7.71 -26.78
N ILE A 11 -8.78 8.60 -27.52
CA ILE A 11 -9.00 9.97 -27.07
C ILE A 11 -10.22 9.99 -26.16
N VAL A 12 -10.05 10.50 -24.95
CA VAL A 12 -11.07 10.47 -23.91
C VAL A 12 -11.62 11.87 -23.70
N LYS A 13 -12.95 11.98 -23.66
CA LYS A 13 -13.62 13.21 -23.27
C LYS A 13 -14.05 13.09 -21.82
N LEU A 14 -13.48 13.93 -20.95
CA LEU A 14 -13.75 13.84 -19.53
C LEU A 14 -15.08 14.49 -19.18
N LYS A 15 -15.73 13.94 -18.16
CA LYS A 15 -16.90 14.57 -17.56
C LYS A 15 -16.57 15.29 -16.25
N ASN A 16 -15.54 14.83 -15.55
CA ASN A 16 -15.06 15.47 -14.33
C ASN A 16 -13.62 15.91 -14.58
N PHE A 17 -13.38 17.22 -14.57
CA PHE A 17 -12.06 17.76 -14.81
C PHE A 17 -11.27 18.02 -13.53
N HIS A 18 -11.85 17.78 -12.37
CA HIS A 18 -11.15 17.92 -11.10
C HIS A 18 -10.54 16.59 -10.71
N VAL A 19 -9.21 16.58 -10.53
CA VAL A 19 -8.50 15.39 -10.06
C VAL A 19 -7.75 15.76 -8.79
N TYR A 20 -7.05 14.79 -8.20
CA TYR A 20 -6.51 14.96 -6.86
C TYR A 20 -5.03 14.62 -6.82
N ARG A 21 -4.31 15.29 -5.91
CA ARG A 21 -2.86 15.21 -5.86
C ARG A 21 -2.41 15.21 -4.41
N GLY A 22 -1.77 14.13 -3.98
CA GLY A 22 -1.18 14.06 -2.65
C GLY A 22 0.27 14.48 -2.72
N VAL A 23 0.68 15.31 -1.77
CA VAL A 23 2.01 15.90 -1.78
C VAL A 23 2.72 15.63 -0.46
N SER A 24 4.03 15.51 -0.52
CA SER A 24 4.87 15.33 0.66
C SER A 24 4.98 16.65 1.41
N PRO A 25 5.49 16.63 2.65
CA PRO A 25 5.64 17.89 3.40
C PRO A 25 6.40 18.98 2.67
N ILE A 26 7.48 18.64 1.96
CA ILE A 26 8.25 19.69 1.31
C ILE A 26 7.56 20.25 0.08
N GLY A 27 6.58 19.54 -0.46
CA GLY A 27 5.86 19.99 -1.64
C GLY A 27 4.62 20.81 -1.37
N VAL A 28 4.25 20.97 -0.09
CA VAL A 28 3.04 21.72 0.24
C VAL A 28 3.15 23.18 -0.22
N LYS A 29 4.36 23.73 -0.18
CA LYS A 29 4.55 25.13 -0.56
C LYS A 29 4.28 25.38 -2.04
N ASP A 30 4.36 24.34 -2.88
CA ASP A 30 4.17 24.51 -4.31
C ASP A 30 2.71 24.58 -4.73
N TYR A 31 1.78 24.31 -3.81
CA TYR A 31 0.35 24.23 -4.13
C TYR A 31 -0.39 25.29 -3.32
N GLN A 32 -0.76 26.37 -3.99
CA GLN A 32 -1.55 27.44 -3.38
C GLN A 32 -2.88 27.54 -4.12
N VAL A 33 -3.98 27.52 -3.36
CA VAL A 33 -5.30 27.57 -3.96
C VAL A 33 -5.47 28.89 -4.70
N GLY A 34 -5.93 28.81 -5.95
CA GLY A 34 -6.09 29.99 -6.77
C GLY A 34 -4.88 30.38 -7.58
N GLN A 35 -3.81 29.58 -7.53
CA GLN A 35 -2.59 29.86 -8.26
C GLN A 35 -2.30 28.72 -9.23
N LYS A 36 -1.45 29.01 -10.22
CA LYS A 36 -0.96 27.97 -11.10
C LYS A 36 0.01 27.06 -10.36
N ILE A 37 0.11 25.82 -10.83
CA ILE A 37 0.97 24.85 -10.17
C ILE A 37 2.43 25.22 -10.38
N VAL A 38 3.23 25.08 -9.33
CA VAL A 38 4.66 25.34 -9.39
C VAL A 38 5.40 24.01 -9.53
N LYS A 39 6.23 23.90 -10.55
CA LYS A 39 7.08 22.73 -10.71
C LYS A 39 8.18 22.75 -9.65
N SER A 40 8.28 21.68 -8.88
CA SER A 40 9.21 21.63 -7.76
C SER A 40 10.65 21.85 -8.22
N THR A 41 11.33 22.78 -7.55
CA THR A 41 12.75 23.01 -7.75
C THR A 41 13.60 22.40 -6.63
N SER A 42 12.96 21.77 -5.65
CA SER A 42 13.68 21.20 -4.51
C SER A 42 14.35 19.88 -4.89
N THR A 43 15.48 19.61 -4.25
CA THR A 43 16.24 18.39 -4.47
C THR A 43 16.62 17.79 -3.12
N ASP A 44 16.82 16.48 -3.11
CA ASP A 44 17.20 15.79 -1.88
C ASP A 44 18.71 15.90 -1.67
N GLU A 45 19.23 15.12 -0.73
CA GLU A 45 20.65 15.22 -0.38
C GLU A 45 21.55 14.74 -1.51
N HIS A 46 21.07 13.84 -2.37
CA HIS A 46 21.85 13.33 -3.48
C HIS A 46 21.76 14.22 -4.72
N GLY A 47 20.92 15.25 -4.70
CA GLY A 47 20.66 16.06 -5.87
C GLY A 47 19.48 15.60 -6.69
N ASN A 48 18.80 14.52 -6.29
CA ASN A 48 17.65 14.03 -7.03
C ASN A 48 16.45 14.94 -6.80
N PRO A 49 15.60 15.13 -7.80
CA PRO A 49 14.42 15.96 -7.62
C PRO A 49 13.38 15.26 -6.75
N VAL A 50 12.59 16.05 -6.04
CA VAL A 50 11.51 15.56 -5.20
C VAL A 50 10.22 16.17 -5.69
N GLY A 51 9.28 15.32 -6.11
CA GLY A 51 7.99 15.79 -6.58
C GLY A 51 7.85 15.95 -8.07
N LEU A 52 8.84 15.53 -8.86
CA LEU A 52 8.76 15.66 -10.31
C LEU A 52 8.17 14.44 -10.99
N GLY A 53 7.73 13.43 -10.23
CA GLY A 53 7.02 12.29 -10.77
C GLY A 53 7.89 11.11 -11.11
N ASN A 54 9.16 11.33 -11.43
CA ASN A 54 10.08 10.25 -11.77
C ASN A 54 11.49 10.81 -11.77
N TYR A 55 12.46 9.91 -11.59
CA TYR A 55 13.85 10.29 -11.79
C TYR A 55 14.25 10.26 -13.26
N ASP A 56 13.47 9.56 -14.09
CA ASP A 56 13.69 9.53 -15.52
C ASP A 56 12.98 10.72 -16.16
N PRO A 57 13.70 11.66 -16.79
CA PRO A 57 13.02 12.83 -17.37
C PRO A 57 11.97 12.48 -18.41
N HIS A 58 12.10 11.33 -19.07
CA HIS A 58 11.09 10.92 -20.04
C HIS A 58 9.72 10.76 -19.40
N TRP A 59 9.67 10.39 -18.11
CA TRP A 59 8.42 10.12 -17.43
C TRP A 59 8.12 11.13 -16.33
N GLN A 60 8.82 12.25 -16.29
CA GLN A 60 8.54 13.27 -15.30
C GLN A 60 7.26 14.03 -15.64
N GLY A 61 6.51 14.38 -14.62
CA GLY A 61 5.25 15.07 -14.81
C GLY A 61 4.48 15.13 -13.51
N LEU A 62 3.34 15.79 -13.58
CA LEU A 62 2.43 15.88 -12.44
C LEU A 62 1.49 14.67 -12.49
N TYR A 63 1.72 13.71 -11.60
CA TYR A 63 0.91 12.51 -11.52
C TYR A 63 -0.27 12.77 -10.60
N ALA A 64 -1.49 12.63 -11.14
CA ALA A 64 -2.71 12.89 -10.41
C ALA A 64 -3.61 11.66 -10.44
N ALA A 65 -4.33 11.44 -9.34
CA ALA A 65 -5.27 10.34 -9.23
C ALA A 65 -6.69 10.84 -9.48
N GLU A 66 -7.50 9.97 -10.09
CA GLU A 66 -8.89 10.34 -10.32
C GLU A 66 -9.67 10.37 -9.00
N HIS A 67 -9.36 9.48 -8.08
CA HIS A 67 -10.09 9.36 -6.83
C HIS A 67 -9.31 10.03 -5.70
N LEU A 68 -10.06 10.73 -4.83
CA LEU A 68 -9.43 11.46 -3.73
C LEU A 68 -8.67 10.53 -2.80
N HIS A 69 -9.27 9.39 -2.44
CA HIS A 69 -8.67 8.53 -1.44
C HIS A 69 -7.39 7.86 -1.94
N HIS A 70 -7.23 7.70 -3.26
CA HIS A 70 -5.98 7.17 -3.77
C HIS A 70 -4.85 8.18 -3.66
N ALA A 71 -5.14 9.45 -3.96
CA ALA A 71 -4.12 10.50 -3.85
C ALA A 71 -3.71 10.73 -2.40
N ALA A 72 -4.65 10.60 -1.46
CA ALA A 72 -4.32 10.83 -0.06
C ALA A 72 -3.28 9.84 0.45
N SER A 73 -3.18 8.66 -0.18
CA SER A 73 -2.18 7.69 0.23
C SER A 73 -0.77 8.08 -0.17
N TYR A 74 -0.63 8.98 -1.15
CA TYR A 74 0.68 9.43 -1.61
C TYR A 74 1.25 10.58 -0.80
N ALA A 75 0.46 11.19 0.08
CA ALA A 75 0.83 12.45 0.71
C ALA A 75 1.65 12.23 1.99
N VAL A 76 2.79 11.55 1.82
CA VAL A 76 3.74 11.35 2.91
C VAL A 76 5.15 11.57 2.38
N ASP A 77 6.05 11.96 3.28
CA ASP A 77 7.47 11.96 2.97
C ASP A 77 7.94 10.52 2.82
N ASN A 78 8.70 10.25 1.76
CA ASN A 78 9.06 8.87 1.41
C ASN A 78 9.84 8.20 2.53
N ASN A 79 10.86 8.88 3.06
CA ASN A 79 11.74 8.24 4.03
C ASN A 79 11.11 8.16 5.42
N SER A 80 10.39 9.19 5.84
CA SER A 80 9.91 9.27 7.21
C SER A 80 8.43 8.95 7.38
N GLY A 81 7.62 9.15 6.34
CA GLY A 81 6.19 8.92 6.48
C GLY A 81 5.40 10.07 7.03
N VAL A 82 6.03 11.23 7.25
CA VAL A 82 5.32 12.41 7.73
C VAL A 82 4.28 12.83 6.70
N PRO A 83 3.00 12.86 7.06
CA PRO A 83 1.98 13.28 6.10
C PRO A 83 2.12 14.74 5.71
N GLY A 84 1.81 15.03 4.46
CA GLY A 84 1.96 16.37 3.93
C GLY A 84 0.64 17.08 3.69
N GLY A 85 0.12 17.00 2.47
CA GLY A 85 -1.12 17.68 2.13
C GLY A 85 -1.79 17.04 0.94
N LEU A 86 -3.07 17.36 0.79
CA LEU A 86 -3.91 16.80 -0.27
C LEU A 86 -4.64 17.95 -0.97
N PHE A 87 -4.61 17.96 -2.29
CA PHE A 87 -5.18 19.06 -3.06
C PHE A 87 -6.02 18.56 -4.21
N LYS A 88 -7.10 19.27 -4.50
CA LYS A 88 -7.87 19.07 -5.72
C LYS A 88 -7.37 20.05 -6.78
N ILE A 89 -7.15 19.56 -7.99
CA ILE A 89 -6.67 20.40 -9.08
C ILE A 89 -7.59 20.25 -10.27
N LYS A 90 -7.71 21.34 -11.04
CA LYS A 90 -8.59 21.41 -12.20
C LYS A 90 -7.78 21.30 -13.48
N LEU A 91 -8.15 20.35 -14.33
CA LEU A 91 -7.42 20.15 -15.57
C LEU A 91 -7.99 21.01 -16.69
N PRO A 92 -7.16 21.48 -17.62
CA PRO A 92 -7.67 22.29 -18.73
C PRO A 92 -8.54 21.47 -19.66
N GLU A 93 -9.56 22.13 -20.20
CA GLU A 93 -10.52 21.48 -21.08
C GLU A 93 -10.15 21.57 -22.56
N ASP A 94 -9.18 22.41 -22.91
CA ASP A 94 -8.80 22.61 -24.30
C ASP A 94 -7.73 21.62 -24.78
N VAL A 95 -7.26 20.72 -23.92
CA VAL A 95 -6.20 19.81 -24.27
C VAL A 95 -6.80 18.45 -24.64
N ARG A 96 -5.95 17.55 -25.14
CA ARG A 96 -6.36 16.22 -25.55
C ARG A 96 -5.95 15.21 -24.47
N PHE A 97 -6.92 14.46 -23.96
CA PHE A 97 -6.67 13.40 -23.00
C PHE A 97 -6.59 12.08 -23.75
N VAL A 98 -5.45 11.41 -23.64
CA VAL A 98 -5.14 10.21 -24.42
C VAL A 98 -4.89 9.07 -23.45
N ARG A 99 -5.79 8.09 -23.45
CA ARG A 99 -5.58 6.85 -22.70
C ARG A 99 -4.92 5.83 -23.61
N TYR A 100 -3.88 5.18 -23.12
CA TYR A 100 -3.22 4.11 -23.84
C TYR A 100 -3.20 2.84 -23.00
N GLU A 101 -3.08 1.70 -23.67
CA GLU A 101 -3.07 0.41 -23.01
C GLU A 101 -2.10 -0.50 -23.75
N ASN A 102 -1.06 -0.95 -23.06
CA ASN A 102 -0.09 -1.87 -23.66
C ASN A 102 -0.71 -3.25 -23.79
N LYS A 103 -0.78 -3.75 -25.03
CA LYS A 103 -1.26 -5.10 -25.29
C LYS A 103 -0.13 -6.05 -25.68
N ASP A 104 1.12 -5.61 -25.59
CA ASP A 104 2.28 -6.46 -25.83
C ASP A 104 2.65 -7.14 -24.51
N ALA A 105 2.45 -8.45 -24.44
CA ALA A 105 2.77 -9.19 -23.23
C ALA A 105 4.27 -9.42 -23.05
N ALA A 106 5.09 -9.13 -24.06
CA ALA A 106 6.51 -9.40 -24.01
C ALA A 106 7.36 -8.16 -23.72
N GLN A 107 6.80 -6.96 -23.88
CA GLN A 107 7.57 -5.73 -23.72
C GLN A 107 6.72 -4.68 -23.03
N ALA A 108 7.32 -3.99 -22.06
CA ALA A 108 6.65 -2.90 -21.38
C ALA A 108 6.64 -1.64 -22.26
N ILE A 109 5.92 -0.62 -21.79
CA ILE A 109 5.83 0.63 -22.54
C ILE A 109 7.18 1.34 -22.52
N THR A 110 7.54 1.91 -23.66
CA THR A 110 8.74 2.72 -23.82
C THR A 110 8.36 4.02 -24.52
N PRO A 111 9.15 5.08 -24.36
CA PRO A 111 8.83 6.34 -25.06
C PRO A 111 8.68 6.18 -26.56
N GLY A 112 9.60 5.46 -27.20
CA GLY A 112 9.52 5.28 -28.64
C GLY A 112 8.30 4.49 -29.07
N ARG A 113 7.95 3.43 -28.31
CA ARG A 113 6.77 2.65 -28.63
C ARG A 113 5.51 3.50 -28.52
N LEU A 114 5.40 4.29 -27.44
CA LEU A 114 4.21 5.10 -27.24
C LEU A 114 4.09 6.17 -28.33
N TYR A 115 5.19 6.85 -28.65
CA TYR A 115 5.13 7.88 -29.67
C TYR A 115 4.83 7.30 -31.05
N ARG A 116 5.31 6.09 -31.33
CA ARG A 116 4.94 5.43 -32.59
C ARG A 116 3.45 5.11 -32.63
N ALA A 117 2.89 4.66 -31.50
CA ALA A 117 1.46 4.38 -31.45
C ALA A 117 0.65 5.65 -31.59
N LEU A 118 1.14 6.76 -31.05
CA LEU A 118 0.42 8.03 -31.17
C LEU A 118 0.49 8.58 -32.60
N ARG A 119 1.62 8.38 -33.28
CA ARG A 119 1.72 8.82 -34.67
C ARG A 119 0.79 8.03 -35.56
N GLU A 120 0.67 6.72 -35.32
CA GLU A 120 -0.15 5.88 -36.19
C GLU A 120 -1.62 6.27 -36.11
N GLU A 121 -2.04 6.86 -34.99
CA GLU A 121 -3.41 7.31 -34.80
C GLU A 121 -3.63 8.76 -35.22
N GLY A 122 -2.60 9.40 -35.79
CA GLY A 122 -2.73 10.77 -36.25
C GLY A 122 -2.83 11.80 -35.15
N LEU A 123 -2.13 11.58 -34.03
CA LEU A 123 -2.20 12.47 -32.88
C LEU A 123 -1.04 13.44 -32.78
N ILE A 124 0.10 13.12 -33.39
CA ILE A 124 1.28 13.97 -33.32
C ILE A 124 1.18 15.00 -34.44
N LYS A 125 0.91 16.25 -34.08
CA LYS A 125 0.65 17.32 -35.05
C LYS A 125 1.87 18.15 -35.39
N LEU A 126 2.82 18.28 -34.46
CA LEU A 126 3.88 19.28 -34.59
C LEU A 126 5.15 18.76 -35.23
N THR A 127 5.35 17.44 -35.27
CA THR A 127 6.59 16.87 -35.78
C THR A 127 6.30 15.74 -36.75
N THR A 128 7.24 15.53 -37.67
CA THR A 128 7.24 14.33 -38.49
C THR A 128 8.03 13.23 -37.77
N ALA A 129 7.92 12.01 -38.30
CA ALA A 129 8.69 10.91 -37.72
C ALA A 129 10.19 11.10 -37.88
N LYS A 130 10.61 11.87 -38.89
CA LYS A 130 12.02 12.16 -39.06
C LYS A 130 12.53 13.15 -38.03
N GLU A 131 11.67 14.08 -37.59
CA GLU A 131 12.09 15.11 -36.64
C GLU A 131 12.12 14.59 -35.21
N LEU A 132 11.27 13.63 -34.86
CA LEU A 132 11.16 13.16 -33.48
C LEU A 132 10.78 11.69 -33.51
N ASN A 133 11.75 10.82 -33.22
CA ASN A 133 11.53 9.38 -33.20
C ASN A 133 12.32 8.79 -32.03
N GLU A 134 12.53 7.48 -32.06
CA GLU A 134 13.15 6.79 -30.94
C GLU A 134 14.61 7.18 -30.76
N THR A 135 15.31 7.50 -31.85
CA THR A 135 16.72 7.88 -31.74
C THR A 135 16.89 9.13 -30.89
N HIS A 136 15.93 10.05 -30.95
CA HIS A 136 16.02 11.26 -30.13
C HIS A 136 15.75 10.95 -28.66
N PHE A 137 14.80 10.06 -28.38
CA PHE A 137 14.53 9.69 -27.00
C PHE A 137 15.67 8.86 -26.41
N ASN A 138 16.24 7.96 -27.22
CA ASN A 138 17.33 7.12 -26.74
C ASN A 138 18.61 7.90 -26.50
N SER A 139 18.76 9.06 -27.11
CA SER A 139 19.93 9.90 -26.91
C SER A 139 19.65 11.09 -25.98
N ASN A 140 18.45 11.15 -25.39
CA ASN A 140 18.05 12.22 -24.46
C ASN A 140 18.10 13.60 -25.10
N GLN A 141 18.01 13.67 -26.44
CA GLN A 141 17.84 14.96 -27.09
C GLN A 141 16.43 15.50 -26.91
N ASN A 142 15.46 14.59 -26.76
CA ASN A 142 14.08 14.94 -26.48
C ASN A 142 13.54 13.99 -25.43
N PHE A 143 12.59 14.47 -24.63
CA PHE A 143 12.00 13.68 -23.56
C PHE A 143 10.51 13.50 -23.80
N LEU A 144 9.99 12.33 -23.42
CA LEU A 144 8.65 11.92 -23.81
C LEU A 144 7.59 12.92 -23.32
N THR A 145 7.51 13.14 -22.01
CA THR A 145 6.43 13.95 -21.46
C THR A 145 6.53 15.41 -21.89
N ASN A 146 7.75 15.93 -22.04
CA ASN A 146 7.89 17.31 -22.49
C ASN A 146 7.39 17.47 -23.92
N GLU A 147 7.67 16.50 -24.79
CA GLU A 147 7.16 16.56 -26.16
C GLU A 147 5.65 16.41 -26.19
N LEU A 148 5.09 15.57 -25.31
CA LEU A 148 3.64 15.45 -25.22
C LEU A 148 3.01 16.74 -24.72
N GLY A 149 3.69 17.46 -23.83
CA GLY A 149 3.15 18.72 -23.34
C GLY A 149 3.07 19.78 -24.42
N LYS A 150 4.06 19.80 -25.32
CA LYS A 150 3.99 20.72 -26.46
C LYS A 150 2.88 20.33 -27.42
N GLU A 151 2.59 19.03 -27.53
CA GLU A 151 1.43 18.55 -28.28
C GLU A 151 0.13 18.77 -27.52
N LYS A 152 0.19 19.31 -26.29
CA LYS A 152 -0.99 19.53 -25.45
C LYS A 152 -1.76 18.23 -25.24
N ILE A 153 -1.04 17.21 -24.75
CA ILE A 153 -1.59 15.89 -24.48
C ILE A 153 -1.37 15.57 -23.01
N ILE A 154 -2.43 15.12 -22.35
CA ILE A 154 -2.35 14.58 -20.99
C ILE A 154 -2.61 13.08 -21.07
N LEU A 155 -1.71 12.30 -20.48
CA LEU A 155 -1.80 10.85 -20.53
C LEU A 155 -2.71 10.33 -19.41
N ILE A 156 -3.59 9.40 -19.78
CA ILE A 156 -4.37 8.60 -18.84
C ILE A 156 -3.81 7.18 -18.89
N ASP A 157 -3.33 6.68 -17.75
CA ASP A 157 -2.55 5.45 -17.72
C ASP A 157 -3.04 4.52 -16.62
N THR A 158 -3.11 3.24 -16.94
CA THR A 158 -3.42 2.17 -16.00
C THR A 158 -2.22 1.30 -15.66
N ASP A 159 -1.07 1.52 -16.32
CA ASP A 159 0.11 0.68 -16.16
C ASP A 159 -0.21 -0.77 -16.50
N GLU A 160 0.58 -1.70 -15.99
CA GLU A 160 0.37 -3.11 -16.30
C GLU A 160 -0.63 -3.79 -15.36
N PHE A 161 -0.91 -3.20 -14.20
CA PHE A 161 -1.97 -3.68 -13.32
C PHE A 161 -2.86 -2.51 -12.96
N GLU A 162 -4.14 -2.60 -13.29
CA GLU A 162 -5.10 -1.54 -12.99
C GLU A 162 -5.71 -1.75 -11.61
N SER A 163 -6.50 -2.82 -11.46
CA SER A 163 -7.22 -3.09 -10.23
C SER A 163 -7.64 -4.56 -10.21
N PHE A 164 -8.10 -5.00 -9.05
CA PHE A 164 -8.53 -6.39 -8.90
C PHE A 164 -9.94 -6.59 -9.45
N THR A 165 -10.19 -7.80 -9.95
CA THR A 165 -11.52 -8.24 -10.35
C THR A 165 -12.09 -9.13 -9.24
N ASP A 166 -13.36 -8.91 -8.91
CA ASP A 166 -13.95 -9.72 -7.85
C ASP A 166 -14.50 -11.03 -8.43
N ILE A 167 -15.02 -11.87 -7.55
CA ILE A 167 -15.45 -13.21 -7.97
C ILE A 167 -16.61 -13.14 -8.95
N ASN A 168 -17.42 -12.08 -8.89
CA ASN A 168 -18.54 -11.93 -9.81
C ASN A 168 -18.09 -11.48 -11.20
N GLY A 169 -16.82 -11.12 -11.37
CA GLY A 169 -16.33 -10.56 -12.61
C GLY A 169 -16.32 -9.05 -12.67
N MET A 170 -16.56 -8.37 -11.55
CA MET A 170 -16.60 -6.91 -11.52
C MET A 170 -15.22 -6.34 -11.27
N LYS A 171 -14.87 -5.28 -12.00
CA LYS A 171 -13.58 -4.62 -11.90
C LYS A 171 -13.80 -3.12 -11.84
N ILE A 172 -13.46 -2.50 -10.71
CA ILE A 172 -13.56 -1.04 -10.56
C ILE A 172 -12.37 -0.43 -11.29
N PRO A 173 -12.59 0.48 -12.24
CA PRO A 173 -11.47 1.07 -12.96
C PRO A 173 -10.61 1.96 -12.07
N ARG A 174 -9.32 1.98 -12.36
CA ARG A 174 -8.37 2.86 -11.68
C ARG A 174 -7.61 3.64 -12.73
N LEU A 175 -7.70 4.96 -12.67
CA LEU A 175 -7.11 5.85 -13.67
C LEU A 175 -6.09 6.77 -13.01
N GLU A 176 -4.94 6.93 -13.66
CA GLU A 176 -3.92 7.87 -13.24
C GLU A 176 -3.64 8.84 -14.39
N PHE A 177 -3.54 10.13 -14.06
CA PHE A 177 -3.26 11.16 -15.04
C PHE A 177 -1.78 11.54 -14.99
N ILE A 178 -1.13 11.54 -16.14
CA ILE A 178 0.26 11.97 -16.27
C ILE A 178 0.25 13.29 -17.02
N ILE A 179 0.37 14.39 -16.28
CA ILE A 179 0.25 15.74 -16.83
C ILE A 179 1.66 16.28 -17.05
N PRO A 180 2.07 16.56 -18.29
CA PRO A 180 3.39 17.17 -18.51
C PRO A 180 3.52 18.48 -17.77
N TRP A 181 4.74 18.75 -17.27
CA TRP A 181 4.95 19.90 -16.41
C TRP A 181 4.71 21.23 -17.13
N ASN A 182 4.94 21.28 -18.43
CA ASN A 182 4.68 22.53 -19.15
C ASN A 182 3.18 22.81 -19.26
N ILE A 183 2.36 21.76 -19.29
CA ILE A 183 0.92 21.95 -19.21
C ILE A 183 0.50 22.27 -17.79
N ALA A 184 1.14 21.64 -16.80
CA ALA A 184 0.72 21.80 -15.42
C ALA A 184 0.97 23.22 -14.92
N THR A 185 2.16 23.77 -15.18
CA THR A 185 2.49 25.09 -14.67
C THR A 185 1.78 26.20 -15.42
N GLU A 186 1.24 25.93 -16.60
CA GLU A 186 0.61 26.95 -17.42
C GLU A 186 -0.92 26.89 -17.42
N GLN A 187 -1.51 25.71 -17.25
CA GLN A 187 -2.96 25.56 -17.41
C GLN A 187 -3.67 24.89 -16.24
N VAL A 188 -2.95 24.19 -15.37
CA VAL A 188 -3.57 23.47 -14.25
C VAL A 188 -3.59 24.37 -13.03
N GLN A 189 -4.78 24.50 -12.41
CA GLN A 189 -4.96 25.35 -11.24
C GLN A 189 -5.33 24.49 -10.03
N VAL A 190 -4.96 24.98 -8.85
CA VAL A 190 -5.30 24.31 -7.60
C VAL A 190 -6.70 24.79 -7.20
N SER A 191 -7.67 23.88 -7.28
CA SER A 191 -9.05 24.26 -7.01
C SER A 191 -9.35 24.32 -5.52
N GLU A 192 -8.83 23.37 -4.74
CA GLU A 192 -9.15 23.29 -3.33
C GLU A 192 -8.01 22.64 -2.57
N GLU A 193 -7.76 23.14 -1.37
CA GLU A 193 -6.91 22.47 -0.39
C GLU A 193 -7.80 21.54 0.42
N VAL A 194 -7.75 20.25 0.08
CA VAL A 194 -8.60 19.27 0.78
C VAL A 194 -8.23 19.19 2.25
N LYS A 195 -6.95 18.96 2.53
CA LYS A 195 -6.46 18.91 3.90
C LYS A 195 -4.94 18.99 3.87
N VAL A 196 -4.38 19.78 4.79
CA VAL A 196 -2.94 19.87 4.99
C VAL A 196 -2.64 19.39 6.40
N TRP A 197 -1.77 18.39 6.51
CA TRP A 197 -1.35 17.89 7.81
C TRP A 197 -0.05 18.51 8.31
N TYR A 198 0.89 18.83 7.41
CA TYR A 198 2.17 19.39 7.79
C TYR A 198 2.06 20.91 7.90
N LYS A 199 2.28 21.44 9.10
CA LYS A 199 2.22 22.87 9.36
C LYS A 199 3.60 23.47 9.67
N GLY A 200 4.67 22.70 9.48
CA GLY A 200 5.99 23.12 9.91
C GLY A 200 6.68 24.02 8.90
N ARG A 201 7.92 24.37 9.23
CA ARG A 201 8.76 25.23 8.41
C ARG A 201 9.99 24.47 7.96
N ASP A 202 10.26 24.50 6.65
CA ASP A 202 11.46 23.91 6.06
C ASP A 202 11.66 22.47 6.51
N PHE A 203 10.90 21.55 5.92
CA PHE A 203 10.97 20.15 6.32
C PHE A 203 12.39 19.60 6.13
N SER A 204 13.12 20.08 5.12
CA SER A 204 14.48 19.61 4.90
C SER A 204 15.45 20.07 5.99
N SER A 205 15.06 21.05 6.83
CA SER A 205 15.91 21.44 7.94
C SER A 205 15.86 20.42 9.07
N LEU A 206 14.75 19.69 9.20
CA LEU A 206 14.61 18.72 10.27
C LEU A 206 15.57 17.55 10.07
N ASN A 207 16.18 17.09 11.15
CA ASN A 207 17.00 15.90 11.10
C ASN A 207 16.11 14.66 11.16
N ALA A 208 16.73 13.49 10.99
CA ALA A 208 15.98 12.25 10.92
C ALA A 208 15.22 11.96 12.22
N LYS A 209 15.78 12.36 13.36
CA LYS A 209 15.13 12.11 14.64
C LYS A 209 13.81 12.88 14.74
N GLU A 210 13.87 14.20 14.57
CA GLU A 210 12.66 15.02 14.73
C GLU A 210 11.67 14.83 13.59
N ARG A 211 12.08 14.22 12.47
CA ARG A 211 11.10 13.81 11.47
C ARG A 211 10.25 12.66 11.98
N LEU A 212 10.85 11.76 12.76
CA LEU A 212 10.07 10.66 13.32
C LEU A 212 9.14 11.15 14.42
N GLU A 213 9.60 12.10 15.25
CA GLU A 213 8.71 12.68 16.26
C GLU A 213 7.51 13.35 15.61
N LEU A 214 7.73 14.04 14.49
CA LEU A 214 6.62 14.70 13.80
C LEU A 214 5.64 13.67 13.25
N MET A 215 6.15 12.56 12.71
CA MET A 215 5.26 11.54 12.15
C MET A 215 4.40 10.91 13.22
N MET A 216 4.96 10.65 14.40
CA MET A 216 4.17 10.09 15.49
C MET A 216 3.07 11.05 15.93
N LYS A 217 3.33 12.36 15.85
CA LYS A 217 2.31 13.34 16.20
C LYS A 217 1.20 13.36 15.15
N LEU A 218 1.54 13.18 13.88
CA LEU A 218 0.60 13.39 12.78
C LEU A 218 0.01 12.11 12.22
N ARG A 219 0.54 10.93 12.56
CA ARG A 219 0.04 9.70 11.97
C ARG A 219 -1.39 9.41 12.40
N GLY A 220 -1.77 9.83 13.60
CA GLY A 220 -3.11 9.62 14.09
C GLY A 220 -4.16 10.33 13.25
N PRO A 221 -4.08 11.66 13.16
CA PRO A 221 -5.04 12.38 12.30
C PRO A 221 -5.01 11.95 10.86
N TYR A 222 -3.82 11.70 10.29
CA TYR A 222 -3.73 11.30 8.89
C TYR A 222 -4.39 9.95 8.65
N GLU A 223 -4.25 9.02 9.60
CA GLU A 223 -4.90 7.72 9.45
C GLU A 223 -6.42 7.84 9.44
N ASN A 224 -6.96 8.72 10.28
CA ASN A 224 -8.41 8.86 10.36
C ASN A 224 -8.97 9.54 9.12
N ASP A 225 -8.25 10.53 8.59
CA ASP A 225 -8.70 11.19 7.36
C ASP A 225 -8.66 10.22 6.19
N LEU A 226 -7.58 9.45 6.05
CA LEU A 226 -7.46 8.50 4.96
C LEU A 226 -8.57 7.46 5.03
N THR A 227 -8.82 6.91 6.22
CA THR A 227 -9.88 5.93 6.37
C THR A 227 -11.25 6.52 6.02
N SER A 228 -11.49 7.77 6.41
CA SER A 228 -12.77 8.40 6.07
C SER A 228 -12.91 8.60 4.57
N TYR A 229 -11.83 9.01 3.90
CA TYR A 229 -11.86 9.13 2.44
C TYR A 229 -12.20 7.80 1.79
N GLU A 230 -11.52 6.73 2.21
CA GLU A 230 -11.77 5.42 1.63
C GLU A 230 -13.17 4.92 1.96
N ALA A 231 -13.69 5.27 3.14
CA ALA A 231 -15.05 4.85 3.49
C ALA A 231 -16.10 5.61 2.69
N LYS A 232 -15.84 6.89 2.36
CA LYS A 232 -16.79 7.64 1.55
C LYS A 232 -16.81 7.13 0.12
N PHE A 233 -15.65 6.76 -0.43
CA PHE A 233 -15.61 6.20 -1.77
C PHE A 233 -16.32 4.84 -1.82
N LYS A 234 -16.06 3.99 -0.84
CA LYS A 234 -16.70 2.67 -0.80
C LYS A 234 -18.21 2.81 -0.73
N ASP A 235 -18.71 3.73 0.09
CA ASP A 235 -20.16 3.90 0.24
C ASP A 235 -20.79 4.34 -1.08
N LEU A 236 -20.16 5.26 -1.80
CA LEU A 236 -20.78 5.84 -2.98
C LEU A 236 -20.69 4.90 -4.19
N ILE A 237 -19.51 4.32 -4.42
CA ILE A 237 -19.28 3.55 -5.64
C ILE A 237 -19.62 2.08 -5.45
N ILE A 238 -19.22 1.49 -4.33
CA ILE A 238 -19.39 0.05 -4.14
C ILE A 238 -20.70 -0.31 -3.42
N CYS A 239 -21.28 0.61 -2.66
CA CYS A 239 -22.41 0.30 -1.79
C CYS A 239 -23.74 0.86 -2.26
N ARG A 240 -23.77 2.04 -2.86
CA ARG A 240 -25.04 2.59 -3.35
C ARG A 240 -25.61 1.72 -4.45
N SER A 241 -26.86 1.29 -4.28
CA SER A 241 -27.46 0.36 -5.22
C SER A 241 -27.56 0.93 -6.63
N ALA A 242 -27.71 2.26 -6.76
CA ALA A 242 -27.80 2.87 -8.07
C ALA A 242 -26.46 2.94 -8.79
N SER A 243 -25.36 2.64 -8.10
CA SER A 243 -24.04 2.65 -8.73
C SER A 243 -23.86 1.43 -9.61
N TYR A 244 -23.20 1.63 -10.76
CA TYR A 244 -22.92 0.53 -11.67
C TYR A 244 -22.07 -0.56 -11.02
N TYR A 245 -21.29 -0.21 -9.99
CA TYR A 245 -20.38 -1.14 -9.36
C TYR A 245 -20.92 -1.72 -8.06
N SER A 246 -22.21 -1.54 -7.79
CA SER A 246 -22.83 -2.18 -6.63
C SER A 246 -23.19 -3.62 -6.95
N SER A 247 -23.11 -4.47 -5.93
CA SER A 247 -23.43 -5.89 -6.06
C SER A 247 -24.54 -6.32 -5.11
N GLY A 248 -25.33 -5.37 -4.61
CA GLY A 248 -26.33 -5.70 -3.61
C GLY A 248 -25.76 -6.02 -2.25
N SER A 249 -24.55 -5.55 -1.96
CA SER A 249 -23.89 -5.86 -0.70
C SER A 249 -24.56 -5.12 0.46
N SER A 250 -24.44 -5.69 1.65
CA SER A 250 -24.88 -5.04 2.89
C SER A 250 -23.65 -4.40 3.51
N CYS A 251 -23.34 -3.18 3.07
CA CYS A 251 -22.19 -2.46 3.59
C CYS A 251 -22.45 -2.00 5.02
N LEU A 252 -21.43 -2.11 5.85
CA LEU A 252 -21.53 -1.81 7.27
C LEU A 252 -20.86 -0.49 7.60
N ASP A 253 -21.37 0.17 8.64
CA ASP A 253 -20.82 1.42 9.15
C ASP A 253 -19.63 1.06 10.04
N TRP A 254 -18.45 0.98 9.43
CA TRP A 254 -17.27 0.49 10.16
C TRP A 254 -16.77 1.49 11.18
N GLU A 255 -17.03 2.79 10.97
CA GLU A 255 -16.66 3.76 12.00
C GLU A 255 -17.53 3.58 13.25
N LYS A 256 -18.82 3.34 13.06
CA LYS A 256 -19.70 3.07 14.19
C LYS A 256 -19.33 1.76 14.88
N ILE A 257 -19.00 0.73 14.09
CA ILE A 257 -18.61 -0.56 14.65
C ILE A 257 -17.40 -0.40 15.57
N LYS A 258 -16.43 0.42 15.15
CA LYS A 258 -15.24 0.66 15.97
C LYS A 258 -15.60 1.32 17.29
N THR A 259 -16.36 2.42 17.23
CA THR A 259 -16.68 3.15 18.46
C THR A 259 -17.63 2.35 19.36
N GLU A 260 -18.54 1.57 18.78
CA GLU A 260 -19.42 0.74 19.59
C GLU A 260 -18.65 -0.39 20.27
N SER A 261 -17.77 -1.06 19.52
CA SER A 261 -16.95 -2.12 20.11
C SER A 261 -16.07 -1.57 21.22
N GLN A 262 -15.52 -0.36 21.02
CA GLN A 262 -14.65 0.23 22.04
C GLN A 262 -15.46 0.65 23.27
N ARG A 263 -16.66 1.19 23.08
CA ARG A 263 -17.48 1.57 24.21
C ARG A 263 -17.92 0.35 25.03
N ILE A 264 -18.27 -0.74 24.34
CA ILE A 264 -18.76 -1.91 25.04
C ILE A 264 -17.65 -2.59 25.82
N VAL A 265 -16.46 -2.69 25.23
CA VAL A 265 -15.32 -3.32 25.92
C VAL A 265 -14.94 -2.51 27.16
N LYS A 266 -14.87 -1.19 27.01
CA LYS A 266 -14.50 -0.33 28.13
C LYS A 266 -15.51 -0.46 29.28
N GLN A 267 -16.80 -0.46 28.95
CA GLN A 267 -17.83 -0.51 29.98
C GLN A 267 -17.82 -1.86 30.70
N ILE A 268 -17.77 -2.95 29.94
CA ILE A 268 -17.83 -4.28 30.55
C ILE A 268 -16.55 -4.59 31.32
N ILE A 269 -15.43 -3.96 30.98
CA ILE A 269 -14.21 -4.15 31.74
C ILE A 269 -14.24 -3.32 33.02
N GLU A 270 -14.69 -2.07 32.94
CA GLU A 270 -14.70 -1.21 34.11
C GLU A 270 -15.77 -1.59 35.13
N GLU A 271 -16.65 -2.54 34.80
CA GLU A 271 -17.68 -3.00 35.73
C GLU A 271 -17.35 -4.34 36.39
N HIS A 272 -16.31 -5.02 35.94
CA HIS A 272 -15.93 -6.31 36.51
C HIS A 272 -14.44 -6.31 36.84
N PRO A 273 -14.06 -6.21 38.12
CA PRO A 273 -12.63 -6.22 38.46
C PRO A 273 -11.89 -7.46 38.03
N GLU A 274 -12.61 -8.58 37.80
CA GLU A 274 -11.99 -9.79 37.29
C GLU A 274 -11.32 -9.55 35.95
N LEU A 275 -11.85 -8.63 35.14
CA LEU A 275 -11.31 -8.31 33.83
C LEU A 275 -10.31 -7.17 33.87
N GLN A 276 -10.00 -6.63 35.03
CA GLN A 276 -9.06 -5.51 35.17
C GLN A 276 -7.68 -6.03 35.57
N SER A 277 -7.10 -6.82 34.68
CA SER A 277 -5.86 -7.53 34.98
C SER A 277 -4.65 -6.67 34.69
N HIS A 278 -3.56 -6.96 35.38
CA HIS A 278 -2.26 -6.33 35.17
C HIS A 278 -1.32 -7.33 34.51
N SER A 279 -0.11 -6.86 34.18
CA SER A 279 0.86 -7.73 33.52
C SER A 279 1.37 -8.82 34.46
N LYS A 280 1.33 -8.59 35.77
CA LYS A 280 1.84 -9.55 36.73
C LYS A 280 0.90 -10.72 36.97
N ASN A 281 -0.39 -10.56 36.64
CA ASN A 281 -1.37 -11.63 36.81
C ASN A 281 -2.14 -11.86 35.51
N ALA A 282 -1.40 -11.92 34.40
CA ALA A 282 -2.00 -12.23 33.12
C ALA A 282 -2.43 -13.70 33.09
N VAL A 283 -3.49 -13.98 32.32
CA VAL A 283 -4.02 -15.33 32.18
C VAL A 283 -3.60 -15.87 30.83
N THR A 284 -2.79 -16.92 30.84
CA THR A 284 -2.31 -17.57 29.63
C THR A 284 -2.88 -18.96 29.42
N ASP A 285 -3.60 -19.50 30.41
CA ASP A 285 -4.17 -20.84 30.28
C ASP A 285 -5.41 -20.80 29.39
N LYS A 286 -5.46 -21.71 28.41
CA LYS A 286 -6.60 -21.74 27.49
C LYS A 286 -7.90 -21.95 28.24
N GLU A 287 -7.89 -22.78 29.27
CA GLU A 287 -9.12 -23.09 30.00
C GLU A 287 -9.67 -21.86 30.71
N LYS A 288 -8.79 -21.09 31.37
CA LYS A 288 -9.22 -19.86 32.01
C LYS A 288 -9.75 -18.86 30.99
N LEU A 289 -9.10 -18.78 29.83
CA LEU A 289 -9.54 -17.85 28.80
C LEU A 289 -10.87 -18.26 28.20
N GLN A 290 -11.16 -19.57 28.13
CA GLN A 290 -12.47 -20.02 27.66
C GLN A 290 -13.57 -19.62 28.64
N LYS A 291 -13.29 -19.71 29.94
CA LYS A 291 -14.30 -19.34 30.93
C LYS A 291 -14.59 -17.84 30.88
N ILE A 292 -13.55 -17.02 30.69
CA ILE A 292 -13.76 -15.59 30.54
C ILE A 292 -14.64 -15.30 29.33
N TYR A 293 -14.44 -16.06 28.24
CA TYR A 293 -15.32 -15.91 27.07
C TYR A 293 -16.75 -16.28 27.42
N ASN A 294 -16.95 -17.46 28.00
CA ASN A 294 -18.30 -17.94 28.27
C ASN A 294 -19.00 -17.16 29.38
N ASP A 295 -18.24 -16.52 30.27
CA ASP A 295 -18.86 -15.75 31.35
C ASP A 295 -19.43 -14.43 30.86
N TYR A 296 -18.85 -13.84 29.81
CA TYR A 296 -19.23 -12.51 29.38
C TYR A 296 -19.79 -12.45 27.97
N ALA A 297 -19.75 -13.55 27.20
CA ALA A 297 -20.37 -13.55 25.89
C ALA A 297 -21.87 -13.27 25.94
N PRO A 298 -22.66 -13.81 26.89
CA PRO A 298 -24.07 -13.40 26.96
C PRO A 298 -24.26 -11.92 27.24
N LYS A 299 -23.40 -11.35 28.08
CA LYS A 299 -23.49 -9.91 28.35
C LYS A 299 -23.16 -9.09 27.10
N ILE A 300 -22.16 -9.52 26.32
CA ILE A 300 -21.82 -8.81 25.10
C ILE A 300 -22.91 -8.99 24.05
N ASP A 301 -23.59 -10.14 24.04
CA ASP A 301 -24.73 -10.34 23.14
C ASP A 301 -25.79 -9.26 23.35
N LYS A 302 -26.13 -8.97 24.61
CA LYS A 302 -27.13 -7.96 24.89
C LYS A 302 -26.62 -6.56 24.54
N LEU A 303 -25.39 -6.25 24.95
CA LEU A 303 -24.83 -4.92 24.71
C LEU A 303 -24.65 -4.66 23.22
N SER A 304 -24.33 -5.67 22.43
CA SER A 304 -24.15 -5.53 20.99
C SER A 304 -25.46 -5.62 20.22
N SER A 305 -26.58 -5.80 20.91
CA SER A 305 -27.89 -5.96 20.26
C SER A 305 -27.90 -7.13 19.28
N LEU A 306 -27.11 -8.17 19.57
CA LEU A 306 -27.11 -9.34 18.71
C LEU A 306 -28.43 -10.11 18.88
N LYS A 307 -29.09 -10.38 17.76
CA LYS A 307 -30.36 -11.08 17.80
C LYS A 307 -30.17 -12.51 18.31
N GLU A 308 -31.06 -12.93 19.19
CA GLU A 308 -31.03 -14.30 19.69
C GLU A 308 -31.25 -15.28 18.54
N GLY A 309 -30.45 -16.34 18.52
CA GLY A 309 -30.47 -17.29 17.43
C GLY A 309 -29.48 -17.01 16.33
N VAL A 310 -29.03 -15.76 16.18
CA VAL A 310 -27.99 -15.42 15.21
C VAL A 310 -26.65 -15.89 15.77
N SER A 311 -25.92 -16.68 14.99
CA SER A 311 -24.69 -17.27 15.46
C SER A 311 -23.60 -16.22 15.64
N ARG A 312 -22.92 -16.27 16.77
CA ARG A 312 -21.69 -15.51 16.93
C ARG A 312 -20.63 -16.08 15.99
N ALA A 313 -19.93 -15.19 15.29
CA ALA A 313 -18.88 -15.64 14.37
C ALA A 313 -17.63 -16.13 15.09
N THR A 314 -17.62 -16.15 16.42
CA THR A 314 -16.49 -16.59 17.22
C THR A 314 -16.90 -17.78 18.08
N THR A 315 -15.89 -18.48 18.60
CA THR A 315 -16.10 -19.57 19.54
C THR A 315 -15.15 -19.39 20.72
N ALA A 316 -15.54 -19.96 21.87
CA ALA A 316 -14.70 -19.89 23.05
C ALA A 316 -13.36 -20.58 22.83
N LEU A 317 -13.35 -21.66 22.05
CA LEU A 317 -12.13 -22.43 21.86
C LEU A 317 -11.11 -21.67 21.01
N ASN A 318 -11.56 -21.14 19.87
CA ASN A 318 -10.64 -20.49 18.95
C ASN A 318 -10.09 -19.19 19.51
N ILE A 319 -10.96 -18.39 20.16
CA ILE A 319 -10.50 -17.13 20.75
C ILE A 319 -9.46 -17.40 21.84
N ALA A 320 -9.66 -18.46 22.63
CA ALA A 320 -8.75 -18.74 23.73
C ALA A 320 -7.39 -19.20 23.24
N SER A 321 -7.36 -20.06 22.22
CA SER A 321 -6.07 -20.50 21.68
C SER A 321 -5.32 -19.34 21.05
N TRP A 322 -6.02 -18.51 20.29
CA TRP A 322 -5.40 -17.33 19.69
C TRP A 322 -4.85 -16.39 20.77
N ALA A 323 -5.65 -16.13 21.81
CA ALA A 323 -5.19 -15.26 22.88
C ALA A 323 -4.03 -15.88 23.65
N ALA A 324 -4.09 -17.18 23.92
CA ALA A 324 -3.00 -17.84 24.62
C ALA A 324 -1.73 -17.84 23.78
N GLY A 325 -1.87 -17.95 22.45
CA GLY A 325 -0.71 -17.89 21.58
C GLY A 325 -0.10 -16.50 21.56
N LEU A 326 -0.94 -15.46 21.57
CA LEU A 326 -0.42 -14.10 21.58
C LEU A 326 0.33 -13.79 22.88
N ALA A 327 -0.11 -14.39 23.99
CA ALA A 327 0.61 -14.20 25.25
C ALA A 327 2.03 -14.73 25.17
N GLU A 328 2.25 -15.81 24.40
CA GLU A 328 3.60 -16.33 24.24
C GLU A 328 4.49 -15.35 23.47
N THR A 329 3.99 -14.85 22.33
CA THR A 329 4.81 -13.97 21.50
C THR A 329 5.01 -12.61 22.15
N PHE A 330 3.97 -12.10 22.83
CA PHE A 330 4.07 -10.83 23.54
C PHE A 330 4.88 -10.91 24.83
N SER A 331 5.22 -12.13 25.28
CA SER A 331 5.83 -12.29 26.59
C SER A 331 7.20 -11.62 26.68
N ASN A 332 8.01 -11.77 25.63
CA ASN A 332 9.36 -11.20 25.62
C ASN A 332 9.38 -9.80 25.00
N LYS A 333 8.51 -8.91 25.51
CA LYS A 333 8.42 -7.55 25.02
C LYS A 333 8.27 -6.59 26.20
N ASN A 334 8.86 -5.41 26.05
CA ASN A 334 8.77 -4.35 27.04
C ASN A 334 7.74 -3.31 26.60
N ALA A 335 7.06 -2.72 27.57
CA ALA A 335 6.02 -1.74 27.27
C ALA A 335 6.62 -0.42 26.82
N ASP A 336 7.77 -0.04 27.35
CA ASP A 336 8.38 1.25 27.03
C ASP A 336 8.91 1.33 25.60
N GLY A 337 9.02 0.20 24.90
CA GLY A 337 9.51 0.21 23.54
C GLY A 337 8.61 -0.51 22.56
N LEU A 338 7.32 -0.55 22.86
CA LEU A 338 6.33 -1.25 22.03
C LEU A 338 5.41 -0.22 21.40
N ASP A 339 5.37 -0.19 20.06
CA ASP A 339 4.53 0.76 19.35
C ASP A 339 3.09 0.29 19.29
N LYS A 340 2.17 1.26 19.23
CA LYS A 340 0.76 0.94 19.09
C LYS A 340 0.50 0.15 17.81
N ALA A 341 1.07 0.60 16.69
CA ALA A 341 0.89 -0.11 15.42
C ALA A 341 1.54 -1.49 15.46
N ALA A 342 2.64 -1.64 16.18
CA ALA A 342 3.30 -2.94 16.27
C ALA A 342 2.44 -3.94 17.03
N ALA A 343 1.76 -3.50 18.08
CA ALA A 343 0.90 -4.40 18.85
C ALA A 343 -0.24 -4.94 17.99
N VAL A 344 -0.85 -4.07 17.17
CA VAL A 344 -1.96 -4.48 16.33
C VAL A 344 -1.46 -5.40 15.21
N THR A 345 -0.29 -5.09 14.65
CA THR A 345 0.31 -5.99 13.67
C THR A 345 0.60 -7.35 14.27
N ALA A 346 0.94 -7.40 15.56
CA ALA A 346 1.34 -8.66 16.18
C ALA A 346 0.16 -9.57 16.48
N ILE A 347 -1.07 -9.05 16.48
CA ILE A 347 -2.24 -9.89 16.69
C ILE A 347 -2.79 -10.45 15.37
N ILE A 348 -2.24 -10.05 14.23
CA ILE A 348 -2.68 -10.61 12.95
C ILE A 348 -2.43 -12.10 12.87
N PRO A 349 -1.27 -12.64 13.26
CA PRO A 349 -1.09 -14.11 13.20
C PRO A 349 -2.13 -14.83 14.05
N GLY A 350 -2.88 -15.72 13.41
CA GLY A 350 -3.95 -16.44 14.08
C GLY A 350 -5.29 -15.73 14.10
N LEU A 351 -5.37 -14.51 13.56
CA LEU A 351 -6.58 -13.71 13.70
C LEU A 351 -7.75 -14.31 12.93
N GLY A 352 -7.49 -14.88 11.75
CA GLY A 352 -8.57 -15.35 10.91
C GLY A 352 -9.32 -16.54 11.50
N GLN A 353 -8.58 -17.44 12.17
CA GLN A 353 -9.22 -18.61 12.77
C GLN A 353 -10.14 -18.26 13.92
N ALA A 354 -9.93 -17.10 14.56
CA ALA A 354 -10.59 -16.77 15.81
C ALA A 354 -11.70 -15.74 15.65
N VAL A 355 -11.48 -14.70 14.85
CA VAL A 355 -12.46 -13.62 14.74
C VAL A 355 -13.60 -14.00 13.81
N GLY A 356 -13.30 -14.68 12.72
CA GLY A 356 -14.37 -15.24 11.92
C GLY A 356 -14.84 -14.33 10.82
N ILE A 357 -14.89 -13.02 11.10
CA ILE A 357 -15.37 -12.06 10.11
C ILE A 357 -14.26 -11.43 9.29
N ALA A 358 -13.01 -11.89 9.45
CA ALA A 358 -11.91 -11.30 8.69
C ALA A 358 -11.96 -11.70 7.23
N ASN A 359 -12.51 -12.87 6.91
CA ASN A 359 -12.63 -13.32 5.53
C ASN A 359 -13.99 -13.03 4.92
N GLY A 360 -15.00 -12.78 5.75
CA GLY A 360 -16.34 -12.51 5.26
C GLY A 360 -17.33 -12.45 6.40
N ILE A 361 -18.43 -11.70 6.22
CA ILE A 361 -19.43 -11.54 7.25
C ILE A 361 -20.81 -11.71 6.63
N GLU A 362 -21.73 -12.29 7.40
CA GLU A 362 -23.06 -12.56 6.90
C GLU A 362 -23.85 -11.28 6.69
N LYS A 363 -24.71 -11.29 5.67
CA LYS A 363 -25.48 -10.11 5.28
C LYS A 363 -26.67 -9.84 6.17
N HIS A 364 -26.93 -10.67 7.18
CA HIS A 364 -28.05 -10.49 8.09
C HIS A 364 -27.52 -10.27 9.50
N ASP A 365 -27.92 -9.15 10.12
CA ASP A 365 -27.44 -8.77 11.45
C ASP A 365 -25.93 -8.60 11.46
N GLY A 366 -25.37 -8.11 10.36
CA GLY A 366 -23.92 -8.03 10.23
C GLY A 366 -23.28 -7.03 11.16
N GLU A 367 -23.92 -5.86 11.33
CA GLU A 367 -23.36 -4.83 12.20
C GLU A 367 -23.24 -5.33 13.63
N ALA A 368 -24.25 -6.08 14.10
CA ALA A 368 -24.21 -6.62 15.46
C ALA A 368 -23.19 -7.75 15.58
N ILE A 369 -23.08 -8.60 14.55
CA ILE A 369 -22.10 -9.67 14.58
C ILE A 369 -20.68 -9.10 14.64
N ALA A 370 -20.42 -8.03 13.88
CA ALA A 370 -19.10 -7.42 13.88
C ALA A 370 -18.76 -6.83 15.24
N ILE A 371 -19.69 -6.09 15.83
CA ILE A 371 -19.46 -5.52 17.15
C ILE A 371 -19.30 -6.62 18.19
N ASN A 372 -20.12 -7.66 18.10
CA ASN A 372 -20.03 -8.78 19.04
C ASN A 372 -18.67 -9.47 18.93
N SER A 373 -18.19 -9.69 17.70
CA SER A 373 -16.93 -10.41 17.51
C SER A 373 -15.76 -9.57 18.01
N ILE A 374 -15.70 -8.30 17.61
CA ILE A 374 -14.57 -7.45 17.98
C ILE A 374 -14.54 -7.22 19.49
N ALA A 375 -15.71 -6.99 20.09
CA ALA A 375 -15.76 -6.75 21.53
C ALA A 375 -15.34 -7.99 22.31
N LEU A 376 -15.80 -9.17 21.90
CA LEU A 376 -15.42 -10.39 22.58
C LEU A 376 -13.93 -10.68 22.42
N SER A 377 -13.41 -10.50 21.20
CA SER A 377 -12.00 -10.78 20.95
C SER A 377 -11.11 -9.84 21.76
N ALA A 378 -11.40 -8.54 21.73
CA ALA A 378 -10.60 -7.58 22.47
C ALA A 378 -10.67 -7.83 23.97
N LEU A 379 -11.83 -8.25 24.47
CA LEU A 379 -11.98 -8.49 25.90
C LEU A 379 -11.11 -9.65 26.36
N VAL A 380 -11.10 -10.76 25.62
CA VAL A 380 -10.37 -11.93 26.05
C VAL A 380 -8.87 -11.73 25.83
N VAL A 381 -8.49 -11.14 24.70
CA VAL A 381 -7.07 -10.91 24.42
C VAL A 381 -6.49 -9.90 25.41
N ALA A 382 -7.29 -8.92 25.85
CA ALA A 382 -6.79 -7.97 26.84
C ALA A 382 -6.37 -8.66 28.12
N GLN A 383 -7.01 -9.78 28.46
CA GLN A 383 -6.59 -10.54 29.63
C GLN A 383 -5.32 -11.34 29.38
N ALA A 384 -5.04 -11.67 28.12
CA ALA A 384 -3.89 -12.51 27.82
C ALA A 384 -2.62 -11.67 27.64
N ILE A 385 -2.75 -10.47 27.08
CA ILE A 385 -1.60 -9.60 26.87
C ILE A 385 -1.87 -8.22 27.48
N PRO A 386 -1.92 -8.10 28.81
CA PRO A 386 -2.19 -6.79 29.43
C PRO A 386 -1.11 -5.75 29.19
N ILE A 387 0.01 -6.12 28.56
CA ILE A 387 1.09 -5.16 28.35
C ILE A 387 0.67 -4.08 27.34
N VAL A 388 -0.27 -4.38 26.45
CA VAL A 388 -0.69 -3.38 25.48
C VAL A 388 -1.40 -2.21 26.15
N GLY A 389 -1.94 -2.40 27.35
CA GLY A 389 -2.49 -1.30 28.11
C GLY A 389 -1.47 -0.39 28.76
N GLU A 390 -0.20 -0.79 28.74
CA GLU A 390 0.90 0.01 29.29
C GLU A 390 1.65 0.78 28.22
N ILE A 391 1.25 0.63 26.94
CA ILE A 391 1.86 1.40 25.88
C ILE A 391 1.65 2.89 26.14
N ALA A 392 2.60 3.71 25.68
CA ALA A 392 2.45 5.15 25.82
C ALA A 392 1.23 5.63 25.07
N ASP A 393 0.36 6.37 25.78
CA ASP A 393 -0.82 7.02 25.21
C ASP A 393 -1.91 6.04 24.80
N VAL A 394 -2.02 4.90 25.47
CA VAL A 394 -3.19 4.03 25.35
C VAL A 394 -4.01 4.16 26.63
N VAL A 395 -5.32 4.37 26.46
CA VAL A 395 -6.18 4.59 27.61
C VAL A 395 -6.62 3.28 28.26
N GLY A 396 -6.48 2.16 27.54
CA GLY A 396 -6.85 0.86 28.06
C GLY A 396 -6.49 -0.25 27.09
N ALA A 397 -6.19 -1.44 27.62
CA ALA A 397 -5.81 -2.56 26.76
C ALA A 397 -6.97 -2.98 25.86
N GLY A 398 -8.18 -2.98 26.40
CA GLY A 398 -9.33 -3.36 25.59
C GLY A 398 -9.64 -2.37 24.49
N LEU A 399 -9.34 -1.08 24.72
CA LEU A 399 -9.65 -0.06 23.73
C LEU A 399 -8.69 -0.08 22.55
N ILE A 400 -7.40 -0.31 22.81
CA ILE A 400 -6.45 -0.40 21.69
C ILE A 400 -6.68 -1.67 20.89
N LEU A 401 -7.09 -2.76 21.56
CA LEU A 401 -7.32 -4.01 20.85
C LEU A 401 -8.60 -3.95 20.02
N ALA A 402 -9.66 -3.35 20.58
CA ALA A 402 -10.90 -3.22 19.83
C ALA A 402 -10.74 -2.26 18.65
N GLY A 403 -10.06 -1.13 18.87
CA GLY A 403 -9.86 -0.19 17.79
C GLY A 403 -8.97 -0.74 16.69
N GLY A 404 -7.88 -1.42 17.06
CA GLY A 404 -7.02 -2.01 16.05
C GLY A 404 -7.68 -3.15 15.30
N LEU A 405 -8.48 -3.96 16.00
CA LEU A 405 -9.19 -5.05 15.34
C LEU A 405 -10.18 -4.52 14.31
N ALA A 406 -10.99 -3.53 14.71
CA ALA A 406 -11.95 -2.94 13.78
C ALA A 406 -11.25 -2.30 12.60
N GLN A 407 -10.07 -1.72 12.82
CA GLN A 407 -9.31 -1.13 11.72
C GLN A 407 -8.82 -2.20 10.76
N LEU A 408 -8.31 -3.31 11.28
CA LEU A 408 -7.81 -4.39 10.41
C LEU A 408 -8.95 -5.00 9.60
N ILE A 409 -10.07 -5.30 10.24
CA ILE A 409 -11.17 -5.94 9.55
C ILE A 409 -11.79 -5.00 8.52
N GLN A 410 -11.91 -3.72 8.86
CA GLN A 410 -12.42 -2.74 7.90
C GLN A 410 -11.54 -2.67 6.66
N SER A 411 -10.23 -2.83 6.82
CA SER A 411 -9.32 -2.70 5.68
C SER A 411 -9.51 -3.79 4.64
N VAL A 412 -10.06 -4.95 5.01
CA VAL A 412 -10.24 -6.04 4.07
C VAL A 412 -11.68 -6.19 3.59
N SER A 413 -12.58 -5.32 4.04
CA SER A 413 -13.92 -5.20 3.48
C SER A 413 -14.67 -6.53 3.41
N PRO A 414 -14.93 -7.19 4.55
CA PRO A 414 -15.60 -8.49 4.50
C PRO A 414 -17.06 -8.42 4.07
N ASP A 415 -17.64 -7.22 3.97
CA ASP A 415 -19.02 -7.06 3.56
C ASP A 415 -19.18 -6.81 2.06
N THR A 416 -18.11 -6.90 1.29
CA THR A 416 -18.13 -6.75 -0.16
C THR A 416 -17.52 -8.00 -0.81
N PRO A 417 -17.79 -8.24 -2.09
CA PRO A 417 -17.32 -9.47 -2.72
C PRO A 417 -15.81 -9.57 -2.68
N PRO A 418 -15.27 -10.78 -2.57
CA PRO A 418 -13.82 -10.95 -2.49
C PRO A 418 -13.16 -10.79 -3.85
N HIS A 419 -11.86 -10.50 -3.80
CA HIS A 419 -11.07 -10.30 -5.02
C HIS A 419 -10.36 -11.58 -5.40
N VAL A 420 -10.27 -11.81 -6.71
CA VAL A 420 -9.52 -12.92 -7.27
C VAL A 420 -8.14 -12.40 -7.66
N GLU A 421 -7.10 -13.11 -7.28
CA GLU A 421 -5.75 -12.66 -7.59
C GLU A 421 -5.45 -12.85 -9.07
N PRO A 422 -4.65 -11.98 -9.66
CA PRO A 422 -4.23 -12.17 -11.05
C PRO A 422 -3.36 -13.40 -11.18
N PRO A 423 -3.27 -13.98 -12.38
CA PRO A 423 -2.30 -15.06 -12.59
C PRO A 423 -0.87 -14.54 -12.42
N HIS A 424 0.01 -15.41 -11.94
CA HIS A 424 1.38 -15.03 -11.67
C HIS A 424 2.33 -16.11 -12.15
N PHE A 425 3.61 -15.77 -12.18
CA PHE A 425 4.63 -16.61 -12.79
C PHE A 425 5.79 -16.82 -11.83
N TYR A 426 6.40 -17.99 -11.91
CA TYR A 426 7.52 -18.40 -11.06
C TYR A 426 7.24 -18.14 -9.59
N PRO A 427 6.19 -18.75 -9.03
CA PRO A 427 5.81 -18.44 -7.65
C PRO A 427 6.79 -19.01 -6.64
N GLN A 428 6.91 -18.30 -5.51
CA GLN A 428 7.67 -18.76 -4.36
C GLN A 428 6.81 -18.61 -3.11
N THR A 429 6.98 -19.54 -2.17
CA THR A 429 6.11 -19.64 -1.01
C THR A 429 6.91 -19.70 0.27
N SER A 430 6.45 -18.96 1.28
CA SER A 430 7.00 -19.03 2.63
C SER A 430 5.90 -18.69 3.62
N ASN A 431 5.76 -19.52 4.66
CA ASN A 431 4.89 -19.23 5.79
C ASN A 431 3.46 -18.94 5.32
N HIS A 432 2.97 -19.80 4.43
CA HIS A 432 1.62 -19.73 3.86
C HIS A 432 1.38 -18.48 3.03
N VAL A 433 2.44 -17.89 2.47
CA VAL A 433 2.32 -16.72 1.62
C VAL A 433 3.07 -17.00 0.32
N THR A 434 2.40 -16.75 -0.81
CA THR A 434 2.98 -16.99 -2.13
C THR A 434 3.12 -15.65 -2.86
N VAL A 435 4.27 -15.42 -3.48
CA VAL A 435 4.48 -14.26 -4.33
C VAL A 435 4.94 -14.73 -5.70
N GLY A 436 4.60 -13.96 -6.72
CA GLY A 436 4.96 -14.28 -8.08
C GLY A 436 4.80 -13.09 -8.99
N TRP A 437 5.57 -13.11 -10.08
CA TRP A 437 5.53 -12.01 -11.03
C TRP A 437 4.24 -12.01 -11.83
N LEU A 438 3.78 -10.82 -12.19
CA LEU A 438 2.52 -10.70 -12.93
C LEU A 438 2.69 -11.03 -14.41
N ASN A 439 3.86 -10.75 -14.99
CA ASN A 439 4.10 -11.02 -16.39
C ASN A 439 5.43 -11.75 -16.53
N GLN A 440 5.41 -12.88 -17.25
CA GLN A 440 6.59 -13.71 -17.36
C GLN A 440 7.75 -12.96 -18.01
N LYS A 441 7.50 -12.32 -19.16
CA LYS A 441 8.59 -11.72 -19.91
C LYS A 441 8.91 -10.31 -19.43
N ILE A 442 7.92 -9.56 -18.96
CA ILE A 442 8.16 -8.17 -18.57
C ILE A 442 8.79 -8.09 -17.18
N ASP A 443 8.28 -8.88 -16.22
CA ASP A 443 8.62 -8.69 -14.82
C ASP A 443 9.83 -9.52 -14.38
N GLU A 444 9.98 -10.73 -14.91
CA GLU A 444 11.07 -11.61 -14.48
C GLU A 444 12.41 -11.24 -15.11
N MET A 445 12.39 -10.57 -16.27
CA MET A 445 13.60 -10.20 -16.99
C MET A 445 13.57 -8.70 -17.26
N ILE A 446 14.50 -7.96 -16.66
CA ILE A 446 14.60 -6.52 -16.85
C ILE A 446 15.79 -6.24 -17.75
N HIS A 447 15.55 -5.47 -18.82
CA HIS A 447 16.61 -5.10 -19.75
C HIS A 447 17.12 -3.72 -19.37
N ALA A 448 18.36 -3.65 -18.89
CA ALA A 448 18.85 -2.41 -18.29
C ALA A 448 19.18 -1.36 -19.34
N TRP A 449 19.67 -1.78 -20.51
CA TRP A 449 20.13 -0.84 -21.51
C TRP A 449 19.28 -0.80 -22.77
N TYR A 450 18.33 -1.72 -22.94
CA TYR A 450 17.46 -1.66 -24.10
C TYR A 450 16.05 -1.29 -23.69
N PRO A 451 15.40 -0.33 -24.36
CA PRO A 451 15.92 0.46 -25.49
C PRO A 451 17.01 1.44 -25.07
N HIS A 452 16.92 1.94 -23.85
CA HIS A 452 17.94 2.81 -23.28
C HIS A 452 17.83 2.78 -21.77
N GLU A 453 18.92 3.12 -21.10
CA GLU A 453 18.93 3.15 -19.66
C GLU A 453 17.92 4.18 -19.14
N GLY A 454 17.18 3.80 -18.11
CA GLY A 454 16.16 4.68 -17.57
C GLY A 454 15.21 3.95 -16.65
N TYR A 455 13.97 4.44 -16.62
CA TYR A 455 12.96 3.94 -15.71
C TYR A 455 12.61 2.49 -16.02
N ARG A 456 12.56 1.66 -14.98
CA ARG A 456 12.12 0.28 -15.10
C ARG A 456 11.24 -0.06 -13.91
N SER A 457 10.18 -0.83 -14.15
CA SER A 457 9.30 -1.26 -13.09
C SER A 457 8.79 -2.66 -13.39
N HIS A 458 8.47 -3.40 -12.34
CA HIS A 458 7.84 -4.70 -12.49
C HIS A 458 6.86 -4.92 -11.35
N HIS A 459 5.85 -5.75 -11.61
CA HIS A 459 4.78 -6.03 -10.66
C HIS A 459 4.87 -7.46 -10.16
N PHE A 460 4.54 -7.67 -8.89
CA PHE A 460 4.35 -9.00 -8.35
C PHE A 460 3.14 -8.98 -7.42
N VAL A 461 2.53 -10.15 -7.25
CA VAL A 461 1.34 -10.30 -6.44
C VAL A 461 1.70 -11.05 -5.15
N ILE A 462 1.03 -10.69 -4.07
CA ILE A 462 1.14 -11.38 -2.79
C ILE A 462 -0.20 -12.01 -2.47
N LYS A 463 -0.19 -13.31 -2.17
CA LYS A 463 -1.44 -14.02 -1.94
C LYS A 463 -1.23 -15.10 -0.87
N ILE A 464 -2.34 -15.50 -0.26
CA ILE A 464 -2.33 -16.64 0.65
C ILE A 464 -2.09 -17.91 -0.17
N ALA A 465 -1.16 -18.74 0.31
CA ALA A 465 -0.76 -19.92 -0.45
C ALA A 465 -1.92 -20.89 -0.63
N ASN A 466 -1.81 -21.73 -1.67
CA ASN A 466 -2.89 -22.64 -2.02
C ASN A 466 -3.21 -23.62 -0.89
N ASP A 467 -2.18 -24.16 -0.25
CA ASP A 467 -2.35 -25.19 0.76
C ASP A 467 -2.46 -24.62 2.18
N ALA A 468 -2.55 -23.31 2.32
CA ALA A 468 -2.67 -22.70 3.64
C ALA A 468 -4.02 -23.07 4.26
N PRO A 469 -4.07 -23.23 5.58
CA PRO A 469 -5.35 -23.52 6.24
C PRO A 469 -6.36 -22.42 6.00
N GLU A 470 -7.63 -22.79 6.09
CA GLU A 470 -8.71 -21.84 5.83
C GLU A 470 -8.63 -20.66 6.79
N ASN A 471 -8.96 -19.47 6.28
CA ASN A 471 -9.01 -18.23 7.04
C ASN A 471 -7.65 -17.75 7.52
N THR A 472 -6.57 -18.18 6.85
CA THR A 472 -5.23 -17.73 7.24
C THR A 472 -5.08 -16.23 6.97
N THR A 473 -4.62 -15.50 7.98
CA THR A 473 -4.31 -14.08 7.87
C THR A 473 -2.84 -13.86 8.20
N MET A 474 -2.17 -13.03 7.40
CA MET A 474 -0.75 -12.81 7.58
C MET A 474 -0.44 -11.31 7.58
N PRO A 475 0.45 -10.86 8.46
CA PRO A 475 0.87 -9.45 8.43
C PRO A 475 1.92 -9.23 7.36
N ILE A 476 1.70 -8.22 6.51
CA ILE A 476 2.65 -7.82 5.49
C ILE A 476 3.38 -6.61 6.03
N THR A 477 4.59 -6.82 6.57
CA THR A 477 5.27 -5.83 7.37
C THR A 477 6.47 -5.17 6.69
N GLU A 478 7.00 -5.76 5.62
CA GLU A 478 8.19 -5.20 4.99
C GLU A 478 8.33 -5.77 3.59
N ILE A 479 8.86 -4.95 2.69
CA ILE A 479 9.18 -5.34 1.33
C ILE A 479 10.57 -4.82 1.02
N MET A 480 11.48 -5.72 0.65
CA MET A 480 12.84 -5.34 0.28
C MET A 480 13.09 -5.62 -1.19
N ALA A 481 14.01 -4.85 -1.77
CA ALA A 481 14.39 -5.00 -3.17
C ALA A 481 15.88 -4.76 -3.31
N LYS A 482 16.55 -5.64 -4.03
CA LYS A 482 17.99 -5.51 -4.26
C LYS A 482 18.28 -4.32 -5.16
N LEU A 483 19.31 -3.55 -4.79
CA LEU A 483 19.74 -2.39 -5.56
C LEU A 483 21.20 -2.55 -5.96
N GLY A 484 21.66 -1.64 -6.83
CA GLY A 484 23.03 -1.69 -7.26
C GLY A 484 24.00 -1.27 -6.16
N SER A 485 25.11 -1.99 -6.07
CA SER A 485 26.11 -1.67 -5.05
C SER A 485 26.88 -0.40 -5.39
N GLN A 486 26.97 -0.06 -6.68
CA GLN A 486 27.67 1.13 -7.13
C GLN A 486 26.67 2.07 -7.80
N THR A 487 27.11 3.30 -8.03
CA THR A 487 26.22 4.32 -8.58
C THR A 487 25.87 4.00 -10.04
N LYS A 488 24.68 4.46 -10.43
CA LYS A 488 24.20 4.35 -11.82
C LYS A 488 24.12 2.90 -12.28
N GLN A 489 23.64 2.03 -11.39
CA GLN A 489 23.37 0.63 -11.72
C GLN A 489 21.89 0.29 -11.54
N LEU A 490 21.37 0.41 -10.34
CA LEU A 490 19.95 0.22 -10.08
C LEU A 490 19.59 1.00 -8.83
N ASP A 491 18.90 2.13 -9.01
CA ASP A 491 18.47 2.99 -7.92
C ASP A 491 16.94 3.01 -7.87
N LEU A 492 16.41 3.07 -6.66
CA LEU A 492 14.97 3.07 -6.47
C LEU A 492 14.35 4.38 -6.96
N VAL A 493 13.14 4.27 -7.50
CA VAL A 493 12.32 5.45 -7.78
C VAL A 493 11.15 5.41 -6.80
N PRO A 494 11.29 6.00 -5.62
CA PRO A 494 10.25 5.83 -4.60
C PRO A 494 8.90 6.44 -4.99
N GLU A 495 8.89 7.44 -5.86
CA GLU A 495 7.63 8.03 -6.31
C GLU A 495 6.76 7.03 -7.06
N ARG A 496 7.36 5.99 -7.64
CA ARG A 496 6.61 5.02 -8.43
C ARG A 496 6.46 3.67 -7.74
N VAL A 497 7.06 3.48 -6.56
CA VAL A 497 6.76 2.31 -5.76
C VAL A 497 5.32 2.40 -5.27
N TRP A 498 4.59 1.30 -5.37
CA TRP A 498 3.14 1.31 -5.30
C TRP A 498 2.64 -0.01 -4.74
N VAL A 499 1.80 0.07 -3.71
CA VAL A 499 1.20 -1.10 -3.08
C VAL A 499 -0.31 -0.92 -3.08
N TYR A 500 -1.03 -1.96 -3.50
CA TYR A 500 -2.47 -1.88 -3.73
C TYR A 500 -3.14 -3.10 -3.12
N GLN A 501 -4.18 -2.87 -2.33
CA GLN A 501 -5.00 -3.95 -1.77
C GLN A 501 -6.45 -3.50 -1.74
N ASN A 502 -7.36 -4.44 -1.98
CA ASN A 502 -8.80 -4.16 -2.06
C ASN A 502 -8.98 -3.13 -3.16
N ASN A 503 -9.45 -1.91 -2.88
CA ASN A 503 -9.44 -0.83 -3.86
C ASN A 503 -8.68 0.38 -3.32
N ASN A 504 -7.68 0.14 -2.47
CA ASN A 504 -7.00 1.20 -1.76
C ASN A 504 -5.49 1.11 -2.00
N VAL A 505 -4.84 2.27 -1.98
CA VAL A 505 -3.39 2.34 -2.04
C VAL A 505 -2.86 2.30 -0.62
N ILE A 506 -1.89 1.42 -0.37
CA ILE A 506 -1.32 1.25 0.96
C ILE A 506 -0.15 2.21 1.13
N THR A 507 -0.28 3.12 2.08
CA THR A 507 0.78 4.09 2.34
C THR A 507 2.02 3.40 2.88
N CYS A 508 3.18 3.70 2.30
CA CYS A 508 4.43 3.05 2.67
C CYS A 508 5.55 4.07 2.75
N THR A 509 6.46 3.83 3.69
CA THR A 509 7.76 4.49 3.64
C THR A 509 8.67 3.75 2.67
N LYS A 510 9.52 4.51 1.98
CA LYS A 510 10.50 3.95 1.06
C LYS A 510 11.86 4.56 1.37
N GLN A 511 12.87 3.71 1.57
CA GLN A 511 14.20 4.22 1.87
C GLN A 511 15.25 3.25 1.32
N THR A 512 16.40 3.81 0.97
CA THR A 512 17.55 3.04 0.48
C THR A 512 18.56 2.91 1.61
N VAL A 513 19.01 1.68 1.86
CA VAL A 513 19.89 1.37 2.99
C VAL A 513 21.16 0.73 2.46
N SER A 514 22.29 1.08 3.07
CA SER A 514 23.59 0.53 2.70
C SER A 514 24.16 -0.25 3.88
N LEU A 515 24.40 -1.55 3.66
CA LEU A 515 25.03 -2.42 4.64
C LEU A 515 26.26 -3.05 4.00
N LYS A 516 27.44 -2.74 4.54
CA LYS A 516 28.72 -3.14 3.95
C LYS A 516 28.79 -2.66 2.51
N THR A 517 28.80 -3.59 1.56
CA THR A 517 28.85 -3.26 0.14
C THR A 517 27.48 -3.36 -0.53
N ASP A 518 26.44 -3.74 0.20
CA ASP A 518 25.12 -3.98 -0.37
C ASP A 518 24.23 -2.76 -0.23
N ARG A 519 23.48 -2.45 -1.28
CA ARG A 519 22.42 -1.44 -1.25
C ARG A 519 21.09 -2.12 -1.54
N PHE A 520 20.05 -1.69 -0.84
CA PHE A 520 18.74 -2.29 -1.05
C PHE A 520 17.66 -1.34 -0.57
N ALA A 521 16.45 -1.54 -1.10
CA ALA A 521 15.29 -0.73 -0.74
C ALA A 521 14.53 -1.40 0.39
N VAL A 522 13.97 -0.58 1.28
CA VAL A 522 13.15 -1.03 2.40
C VAL A 522 11.82 -0.31 2.29
N ILE A 523 10.75 -1.06 2.03
CA ILE A 523 9.40 -0.50 1.91
C ILE A 523 8.56 -1.11 3.02
N ARG A 524 7.99 -0.25 3.86
CA ARG A 524 7.20 -0.70 5.00
C ARG A 524 5.86 0.02 5.03
N PRO A 525 4.75 -0.71 5.11
CA PRO A 525 3.44 -0.04 5.22
C PRO A 525 3.37 0.81 6.48
N LEU A 526 2.82 2.01 6.33
CA LEU A 526 2.74 2.94 7.46
C LEU A 526 1.82 2.43 8.55
N PHE A 527 0.75 1.71 8.17
CA PHE A 527 -0.23 1.18 9.10
C PHE A 527 -0.31 -0.34 8.97
N PRO A 528 -0.77 -1.03 10.01
CA PRO A 528 -0.87 -2.49 9.94
C PRO A 528 -1.66 -2.96 8.72
N THR A 529 -1.08 -3.93 8.02
CA THR A 529 -1.63 -4.42 6.75
C THR A 529 -1.79 -5.93 6.84
N MET A 530 -3.01 -6.41 6.61
CA MET A 530 -3.35 -7.83 6.79
C MET A 530 -3.68 -8.45 5.44
N LEU A 531 -3.01 -9.55 5.12
CA LEU A 531 -3.28 -10.30 3.89
C LEU A 531 -4.29 -11.41 4.17
N THR A 532 -5.33 -11.48 3.35
CA THR A 532 -6.31 -12.54 3.41
C THR A 532 -6.51 -13.13 2.02
N LYS A 533 -7.19 -14.28 1.97
CA LYS A 533 -7.51 -14.89 0.68
C LYS A 533 -8.43 -13.99 -0.14
N SER A 534 -9.29 -13.22 0.52
CA SER A 534 -10.21 -12.33 -0.18
C SER A 534 -9.53 -11.08 -0.72
N ARG A 535 -8.41 -10.66 -0.14
CA ARG A 535 -7.75 -9.41 -0.50
C ARG A 535 -6.27 -9.66 -0.78
N PRO A 536 -5.95 -10.16 -1.97
CA PRO A 536 -4.55 -10.23 -2.38
C PRO A 536 -3.96 -8.84 -2.59
N ILE A 537 -2.64 -8.78 -2.67
CA ILE A 537 -1.91 -7.52 -2.76
C ILE A 537 -1.01 -7.54 -3.98
N VAL A 538 -1.00 -6.42 -4.72
CA VAL A 538 -0.11 -6.24 -5.86
C VAL A 538 0.87 -5.12 -5.52
N VAL A 539 2.14 -5.34 -5.85
CA VAL A 539 3.20 -4.38 -5.58
C VAL A 539 3.88 -4.03 -6.90
N ARG A 540 4.11 -2.75 -7.13
CA ARG A 540 4.96 -2.28 -8.22
C ARG A 540 6.26 -1.77 -7.64
N MET A 541 7.37 -2.38 -8.04
CA MET A 541 8.71 -1.93 -7.65
C MET A 541 9.32 -1.18 -8.82
N ALA A 542 9.87 0.00 -8.55
CA ALA A 542 10.31 0.91 -9.60
C ALA A 542 11.77 1.29 -9.41
N TYR A 543 12.51 1.32 -10.52
CA TYR A 543 13.93 1.66 -10.50
C TYR A 543 14.27 2.53 -11.70
N ILE A 544 15.51 3.00 -11.71
CA ILE A 544 16.15 3.57 -12.89
C ILE A 544 17.50 2.89 -13.06
N THR A 545 17.79 2.47 -14.29
CA THR A 545 19.09 1.92 -14.60
C THR A 545 20.01 3.02 -15.11
N GLY A 546 21.30 2.71 -15.24
CA GLY A 546 22.29 3.71 -15.59
C GLY A 546 23.41 3.14 -16.42
N GLU A 547 24.39 3.99 -16.70
CA GLU A 547 25.53 3.65 -17.56
C GLU A 547 26.44 2.59 -16.94
N ASN A 548 26.27 2.27 -15.66
CA ASN A 548 27.08 1.26 -15.00
C ASN A 548 26.30 -0.03 -14.75
N SER A 549 25.09 -0.16 -15.31
CA SER A 549 24.26 -1.31 -15.02
C SER A 549 24.84 -2.60 -15.59
N CYS A 550 25.60 -2.51 -16.67
CA CYS A 550 26.17 -3.68 -17.31
C CYS A 550 27.60 -3.37 -17.75
N THR A 551 28.35 -4.43 -18.04
CA THR A 551 29.73 -4.28 -18.47
C THR A 551 29.79 -4.04 -19.98
N THR A 552 30.89 -3.43 -20.40
CA THR A 552 31.13 -3.14 -21.82
C THR A 552 32.13 -4.14 -22.41
N ASP A 553 31.77 -5.42 -22.36
CA ASP A 553 32.63 -6.47 -22.89
C ASP A 553 31.81 -7.44 -23.73
N ALA A 554 32.50 -8.43 -24.30
CA ALA A 554 31.88 -9.31 -25.29
C ALA A 554 30.71 -10.09 -24.70
N ASN A 555 30.92 -10.76 -23.56
CA ASN A 555 29.81 -11.36 -22.83
C ASN A 555 29.48 -10.47 -21.64
N PRO A 556 28.50 -9.57 -21.75
CA PRO A 556 28.28 -8.57 -20.70
C PRO A 556 27.53 -9.15 -19.51
N THR A 557 28.07 -8.90 -18.33
CA THR A 557 27.39 -9.15 -17.07
C THR A 557 26.74 -7.85 -16.58
N CYS A 558 25.65 -8.00 -15.83
CA CYS A 558 24.88 -6.85 -15.40
C CYS A 558 24.70 -6.87 -13.89
N PHE A 559 24.54 -5.68 -13.32
CA PHE A 559 24.44 -5.47 -11.90
C PHE A 559 23.13 -4.78 -11.55
N PRO A 560 22.52 -5.09 -10.39
CA PRO A 560 23.00 -6.03 -9.37
C PRO A 560 22.94 -7.49 -9.77
N GLU A 561 23.90 -8.27 -9.30
CA GLU A 561 23.90 -9.69 -9.53
C GLU A 561 22.96 -10.39 -8.55
N ASN A 562 22.31 -11.45 -9.04
CA ASN A 562 21.29 -12.17 -8.30
C ASN A 562 20.21 -11.23 -7.76
N PRO A 563 19.51 -10.51 -8.64
CA PRO A 563 18.49 -9.59 -8.17
C PRO A 563 17.29 -10.33 -7.58
N ALA A 564 16.63 -9.68 -6.62
CA ALA A 564 15.49 -10.31 -5.96
C ALA A 564 14.72 -9.25 -5.18
N ILE A 565 13.47 -9.58 -4.89
CA ILE A 565 12.67 -8.88 -3.90
C ILE A 565 12.32 -9.87 -2.79
N ALA A 566 11.92 -9.33 -1.65
CA ALA A 566 11.55 -10.17 -0.51
C ALA A 566 10.41 -9.51 0.25
N VAL A 567 9.45 -10.32 0.68
CA VAL A 567 8.29 -9.87 1.44
C VAL A 567 8.35 -10.50 2.81
N ARG A 568 8.35 -9.67 3.86
CA ARG A 568 8.31 -10.18 5.22
C ARG A 568 6.86 -10.45 5.63
N VAL A 569 6.61 -11.61 6.21
CA VAL A 569 5.26 -12.05 6.54
C VAL A 569 5.09 -12.30 8.04
N THR A 570 6.03 -11.85 8.85
CA THR A 570 5.96 -11.93 10.30
C THR A 570 6.19 -10.53 10.86
N PRO A 571 5.76 -10.27 12.10
CA PRO A 571 6.01 -8.96 12.71
C PRO A 571 7.50 -8.64 12.74
N LEU A 572 7.81 -7.35 12.60
CA LEU A 572 9.20 -6.93 12.66
C LEU A 572 9.76 -7.18 14.05
N PRO A 573 11.03 -7.58 14.16
CA PRO A 573 11.59 -7.85 15.49
C PRO A 573 11.81 -6.57 16.26
N SER A 574 11.60 -6.65 17.57
CA SER A 574 11.93 -5.57 18.48
C SER A 574 13.34 -5.71 19.06
N ASN A 575 14.08 -6.73 18.64
CA ASN A 575 15.39 -7.06 19.21
C ASN A 575 16.36 -7.36 18.08
N ASN A 576 16.67 -6.33 17.28
CA ASN A 576 17.66 -6.43 16.21
C ASN A 576 18.62 -5.26 16.30
N GLU A 577 19.92 -5.56 16.30
CA GLU A 577 20.92 -4.52 16.53
C GLU A 577 20.98 -3.54 15.36
N CYS A 578 20.91 -4.05 14.12
CA CYS A 578 21.09 -3.22 12.94
C CYS A 578 19.80 -2.96 12.18
N GLU A 579 18.65 -3.33 12.75
CA GLU A 579 17.33 -3.00 12.22
C GLU A 579 17.04 -3.62 10.85
N TRP A 580 17.97 -3.53 9.91
CA TRP A 580 17.80 -4.10 8.58
C TRP A 580 18.64 -5.36 8.44
N ASP A 581 18.02 -6.45 8.03
CA ASP A 581 18.75 -7.67 7.66
C ASP A 581 18.62 -7.87 6.16
N HIS A 582 19.75 -7.79 5.46
CA HIS A 582 19.84 -8.02 4.02
C HIS A 582 19.74 -9.50 3.66
N THR A 583 19.70 -10.38 4.67
CA THR A 583 19.74 -11.83 4.47
C THR A 583 18.73 -12.36 3.45
N PRO A 584 17.44 -12.01 3.51
CA PRO A 584 16.49 -12.62 2.56
C PRO A 584 16.75 -12.27 1.10
N LEU A 585 17.52 -11.22 0.81
CA LEU A 585 17.82 -10.89 -0.57
C LEU A 585 18.95 -11.74 -1.14
N HIS A 586 19.77 -12.35 -0.29
CA HIS A 586 20.86 -13.17 -0.78
C HIS A 586 20.31 -14.45 -1.42
N PRO A 587 20.91 -14.91 -2.53
CA PRO A 587 20.38 -16.10 -3.21
C PRO A 587 20.46 -17.37 -2.37
N SER A 588 21.24 -17.39 -1.30
CA SER A 588 21.31 -18.55 -0.43
C SER A 588 20.11 -18.67 0.51
N TYR A 589 19.26 -17.64 0.57
CA TYR A 589 18.12 -17.68 1.48
C TYR A 589 17.16 -18.81 1.08
N GLN A 590 16.60 -19.47 2.09
CA GLN A 590 15.76 -20.64 1.90
C GLN A 590 14.32 -20.31 2.29
N ASN A 591 13.44 -20.26 1.28
CA ASN A 591 12.02 -20.16 1.55
C ASN A 591 11.53 -21.45 2.21
N GLY A 592 10.57 -21.31 3.11
CA GLY A 592 10.13 -22.48 3.85
C GLY A 592 8.90 -22.18 4.69
N ASP A 593 8.50 -23.21 5.46
CA ASP A 593 7.26 -23.12 6.23
C ASP A 593 7.36 -22.07 7.34
N LYS A 594 8.54 -21.93 7.96
CA LYS A 594 8.72 -21.06 9.11
C LYS A 594 9.59 -19.85 8.80
N ALA A 595 9.81 -19.55 7.51
CA ALA A 595 10.65 -18.43 7.15
C ALA A 595 9.91 -17.11 7.37
N ASP A 596 10.66 -16.08 7.78
CA ASP A 596 10.08 -14.76 7.97
C ASP A 596 9.85 -14.03 6.65
N PHE A 597 10.55 -14.42 5.59
CA PHE A 597 10.45 -13.76 4.30
C PHE A 597 10.14 -14.80 3.22
N VAL A 598 9.57 -14.32 2.12
CA VAL A 598 9.50 -15.09 0.88
C VAL A 598 10.28 -14.32 -0.18
N ARG A 599 11.34 -14.92 -0.68
CA ARG A 599 12.24 -14.28 -1.65
C ARG A 599 11.82 -14.66 -3.06
N LEU A 600 11.71 -13.65 -3.92
CA LEU A 600 11.37 -13.84 -5.33
C LEU A 600 12.47 -13.21 -6.17
N GLY A 601 13.27 -14.04 -6.84
CA GLY A 601 14.35 -13.54 -7.66
C GLY A 601 13.92 -13.21 -9.07
N TYR A 602 14.74 -12.40 -9.74
CA TYR A 602 14.54 -12.09 -11.15
C TYR A 602 15.91 -11.87 -11.78
N ARG A 603 15.91 -11.52 -13.06
CA ARG A 603 17.15 -11.38 -13.81
C ARG A 603 17.25 -9.99 -14.43
N ILE A 604 18.49 -9.53 -14.61
CA ILE A 604 18.78 -8.25 -15.25
C ILE A 604 19.80 -8.51 -16.34
N GLY A 605 19.42 -8.23 -17.59
CA GLY A 605 20.34 -8.32 -18.71
C GLY A 605 20.44 -6.99 -19.44
N VAL A 606 21.16 -6.99 -20.55
CA VAL A 606 21.30 -5.78 -21.35
C VAL A 606 19.93 -5.40 -21.94
I IOD B . 14.82 6.11 -1.56
I IOD C . -6.50 3.42 22.91
I IOD D . -3.28 5.36 -8.07
I IOD E . 3.17 20.10 12.09
I IOD F . 8.01 7.92 -34.04
I IOD G . -21.77 -4.32 31.67
I IOD H . -24.84 3.69 23.47
I IOD I . -16.22 -9.44 39.01
I IOD J . 16.52 10.41 -43.66
I IOD K . 9.29 -4.45 22.75
I IOD L . -3.75 -4.33 -29.85
I IOD M . 5.65 15.96 -3.46
I IOD N . 12.55 4.39 -26.37
I IOD O . 30.81 -3.47 -5.15
I IOD P . 10.65 5.31 -33.91
I IOD Q . -6.51 -9.81 -13.02
I IOD R . 1.45 -23.70 2.04
I IOD S . 14.00 10.21 7.84
I IOD T . 19.48 12.25 13.19
I IOD U . 7.28 23.96 -16.86
I IOD V . 5.67 -4.83 12.46
I IOD W . -10.47 -0.59 28.56
I IOD X . -1.92 2.33 13.71
I IOD Y . -4.98 -17.33 10.81
I IOD Z . 9.39 12.82 -0.64
I IOD AA . -21.82 4.64 21.10
#